data_2XL1
#
_entry.id   2XL1
#
_cell.length_a   1.000
_cell.length_b   1.000
_cell.length_c   1.000
_cell.angle_alpha   90.00
_cell.angle_beta   90.00
_cell.angle_gamma   90.00
#
_symmetry.space_group_name_H-M   'P 1'
#
_entity_poly.entity_id   1
_entity_poly.type   'polypeptide(L)'
_entity_poly.pdbx_seq_one_letter_code
;MNGRPSVFTSQDYLSDHLWRALNA
;
_entity_poly.pdbx_strand_id   A
#
# COMPACT_ATOMS: atom_id res chain seq x y z
N SER A 10 -4.18 -9.99 -4.33
CA SER A 10 -3.14 -8.99 -4.31
C SER A 10 -3.69 -7.58 -4.11
N GLN A 11 -5.01 -7.41 -4.15
CA GLN A 11 -5.58 -6.09 -3.99
C GLN A 11 -5.33 -5.55 -2.57
N ASP A 12 -5.30 -6.45 -1.60
CA ASP A 12 -5.09 -6.07 -0.20
C ASP A 12 -3.69 -5.58 -0.03
N TYR A 13 -2.78 -6.29 -0.67
CA TYR A 13 -1.37 -5.97 -0.67
C TYR A 13 -1.15 -4.63 -1.30
N LEU A 14 -1.76 -4.44 -2.44
CA LEU A 14 -1.62 -3.24 -3.22
C LEU A 14 -2.07 -2.05 -2.39
N SER A 15 -3.21 -2.17 -1.77
CA SER A 15 -3.73 -1.16 -0.91
C SER A 15 -2.77 -0.90 0.28
N ASP A 16 -2.11 -1.96 0.72
CA ASP A 16 -1.22 -1.91 1.87
C ASP A 16 0.03 -1.17 1.55
N HIS A 17 0.77 -1.70 0.63
CA HIS A 17 2.08 -1.17 0.40
C HIS A 17 2.00 0.24 -0.18
N LEU A 18 0.92 0.50 -0.90
CA LEU A 18 0.69 1.78 -1.53
C LEU A 18 0.48 2.84 -0.48
N TRP A 19 -0.34 2.52 0.53
CA TRP A 19 -0.66 3.50 1.54
C TRP A 19 0.64 3.93 2.21
N ARG A 20 1.42 2.96 2.55
CA ARG A 20 2.62 3.19 3.25
C ARG A 20 3.68 3.81 2.36
N ALA A 21 3.67 3.47 1.10
CA ALA A 21 4.61 4.03 0.13
C ALA A 21 4.35 5.52 -0.08
N LEU A 22 3.12 5.94 0.12
CA LEU A 22 2.80 7.35 -0.01
C LEU A 22 3.07 8.08 1.30
N ASN A 23 2.88 7.37 2.41
CA ASN A 23 3.07 7.97 3.75
C ASN A 23 4.50 7.91 4.19
N ALA A 24 5.22 6.97 3.68
CA ALA A 24 6.59 6.79 4.01
C ALA A 24 7.37 6.48 2.76
N SER A 10 -3.86 -10.05 -4.31
CA SER A 10 -2.92 -8.94 -4.37
C SER A 10 -3.55 -7.57 -3.98
N GLN A 11 -4.88 -7.46 -4.00
CA GLN A 11 -5.59 -6.18 -3.67
C GLN A 11 -5.21 -5.68 -2.26
N ASP A 12 -5.08 -6.60 -1.32
CA ASP A 12 -4.88 -6.28 0.09
C ASP A 12 -3.52 -5.69 0.27
N TYR A 13 -2.61 -6.25 -0.49
CA TYR A 13 -1.25 -5.85 -0.49
C TYR A 13 -1.08 -4.56 -1.24
N LEU A 14 -1.76 -4.47 -2.34
CA LEU A 14 -1.65 -3.36 -3.23
C LEU A 14 -2.15 -2.09 -2.58
N SER A 15 -3.27 -2.20 -1.92
CA SER A 15 -3.79 -1.06 -1.18
C SER A 15 -2.84 -0.73 -0.02
N ASP A 16 -2.28 -1.77 0.60
CA ASP A 16 -1.40 -1.62 1.77
C ASP A 16 -0.16 -0.89 1.42
N HIS A 17 0.58 -1.46 0.52
CA HIS A 17 1.87 -0.99 0.24
C HIS A 17 1.82 0.37 -0.41
N LEU A 18 0.73 0.66 -1.11
CA LEU A 18 0.57 1.94 -1.74
C LEU A 18 0.36 3.02 -0.69
N TRP A 19 -0.51 2.75 0.29
CA TRP A 19 -0.81 3.74 1.31
C TRP A 19 0.48 4.04 2.04
N ARG A 20 1.19 2.99 2.33
CA ARG A 20 2.38 3.04 3.05
C ARG A 20 3.52 3.65 2.23
N ALA A 21 3.48 3.49 0.91
CA ALA A 21 4.47 4.04 0.01
C ALA A 21 4.40 5.55 0.00
N LEU A 22 3.20 6.07 0.13
CA LEU A 22 2.99 7.50 0.14
C LEU A 22 3.27 8.07 1.54
N ASN A 23 3.02 7.27 2.56
CA ASN A 23 3.25 7.71 3.94
C ASN A 23 4.65 7.48 4.42
N ALA A 24 5.33 6.55 3.82
CA ALA A 24 6.68 6.23 4.20
C ALA A 24 7.58 6.24 2.98
N SER A 10 -3.82 -9.88 -4.37
CA SER A 10 -2.89 -8.78 -4.29
C SER A 10 -3.58 -7.43 -4.09
N GLN A 11 -4.91 -7.37 -4.12
CA GLN A 11 -5.59 -6.08 -3.94
C GLN A 11 -5.39 -5.51 -2.54
N ASP A 12 -5.37 -6.40 -1.56
CA ASP A 12 -5.21 -5.99 -0.17
C ASP A 12 -3.76 -5.58 0.07
N TYR A 13 -2.89 -6.24 -0.65
CA TYR A 13 -1.46 -5.95 -0.63
C TYR A 13 -1.21 -4.61 -1.24
N LEU A 14 -1.81 -4.41 -2.38
CA LEU A 14 -1.68 -3.23 -3.16
C LEU A 14 -2.10 -2.04 -2.32
N SER A 15 -3.23 -2.17 -1.67
CA SER A 15 -3.73 -1.15 -0.80
C SER A 15 -2.74 -0.89 0.38
N ASP A 16 -2.07 -1.94 0.84
CA ASP A 16 -1.12 -1.85 1.96
C ASP A 16 0.10 -1.10 1.58
N HIS A 17 0.81 -1.65 0.63
CA HIS A 17 2.10 -1.17 0.36
C HIS A 17 2.04 0.21 -0.29
N LEU A 18 0.95 0.48 -0.98
CA LEU A 18 0.75 1.74 -1.65
C LEU A 18 0.50 2.83 -0.62
N TRP A 19 -0.34 2.53 0.37
CA TRP A 19 -0.67 3.53 1.36
C TRP A 19 0.60 3.91 2.09
N ARG A 20 1.35 2.90 2.44
CA ARG A 20 2.55 3.05 3.15
C ARG A 20 3.67 3.64 2.27
N ALA A 21 3.57 3.44 0.97
CA ALA A 21 4.51 4.00 0.02
C ALA A 21 4.34 5.51 -0.06
N LEU A 22 3.10 5.97 0.04
CA LEU A 22 2.81 7.39 -0.02
C LEU A 22 3.04 8.03 1.34
N ASN A 23 2.84 7.27 2.41
CA ASN A 23 3.00 7.80 3.78
C ASN A 23 4.38 7.59 4.34
N ALA A 24 5.21 6.90 3.62
CA ALA A 24 6.57 6.67 4.07
C ALA A 24 7.50 6.67 2.89
N SER A 10 -4.32 -10.03 -4.06
CA SER A 10 -3.28 -9.07 -4.38
C SER A 10 -3.70 -7.62 -4.07
N GLN A 11 -4.99 -7.33 -4.16
CA GLN A 11 -5.46 -5.96 -3.95
C GLN A 11 -5.26 -5.51 -2.51
N ASP A 12 -5.27 -6.47 -1.57
CA ASP A 12 -5.08 -6.14 -0.15
C ASP A 12 -3.68 -5.61 0.02
N TYR A 13 -2.76 -6.29 -0.62
CA TYR A 13 -1.35 -5.95 -0.60
C TYR A 13 -1.14 -4.66 -1.32
N LEU A 14 -1.78 -4.54 -2.44
CA LEU A 14 -1.64 -3.41 -3.32
C LEU A 14 -2.08 -2.14 -2.60
N SER A 15 -3.16 -2.23 -1.88
CA SER A 15 -3.65 -1.12 -1.10
C SER A 15 -2.71 -0.88 0.12
N ASP A 16 -2.13 -1.97 0.64
CA ASP A 16 -1.21 -1.92 1.81
C ASP A 16 0.02 -1.17 1.49
N HIS A 17 0.76 -1.69 0.55
CA HIS A 17 2.05 -1.18 0.32
C HIS A 17 1.97 0.23 -0.24
N LEU A 18 0.88 0.51 -0.98
CA LEU A 18 0.63 1.80 -1.56
C LEU A 18 0.43 2.84 -0.48
N TRP A 19 -0.36 2.50 0.56
CA TRP A 19 -0.69 3.47 1.58
C TRP A 19 0.59 3.93 2.23
N ARG A 20 1.39 2.97 2.58
CA ARG A 20 2.57 3.22 3.26
C ARG A 20 3.63 3.86 2.36
N ALA A 21 3.60 3.48 1.09
CA ALA A 21 4.51 4.03 0.08
C ALA A 21 4.31 5.52 -0.08
N LEU A 22 3.09 5.99 0.18
CA LEU A 22 2.81 7.41 0.07
C LEU A 22 3.09 8.09 1.41
N ASN A 23 2.90 7.37 2.50
CA ASN A 23 3.11 7.91 3.84
C ASN A 23 4.55 7.94 4.24
N ALA A 24 5.32 7.04 3.70
CA ALA A 24 6.71 6.94 4.05
C ALA A 24 7.51 6.49 2.85
N SER A 10 -4.21 -9.85 -4.66
CA SER A 10 -3.25 -8.78 -4.68
C SER A 10 -3.82 -7.44 -4.19
N GLN A 11 -5.13 -7.27 -4.29
CA GLN A 11 -5.78 -5.99 -3.97
C GLN A 11 -5.50 -5.50 -2.55
N ASP A 12 -5.40 -6.42 -1.60
CA ASP A 12 -5.20 -6.02 -0.20
C ASP A 12 -3.76 -5.60 0.02
N TYR A 13 -2.85 -6.33 -0.63
CA TYR A 13 -1.42 -6.05 -0.60
C TYR A 13 -1.15 -4.73 -1.22
N LEU A 14 -1.79 -4.53 -2.33
CA LEU A 14 -1.65 -3.38 -3.14
C LEU A 14 -2.04 -2.15 -2.35
N SER A 15 -3.12 -2.26 -1.63
CA SER A 15 -3.58 -1.23 -0.79
C SER A 15 -2.58 -0.97 0.38
N ASP A 16 -1.99 -2.04 0.89
CA ASP A 16 -1.06 -1.97 2.04
C ASP A 16 0.18 -1.25 1.68
N HIS A 17 0.89 -1.81 0.74
CA HIS A 17 2.18 -1.32 0.45
C HIS A 17 2.13 0.09 -0.12
N LEU A 18 1.06 0.37 -0.89
CA LEU A 18 0.86 1.64 -1.55
C LEU A 18 0.59 2.73 -0.54
N TRP A 19 -0.23 2.43 0.47
CA TRP A 19 -0.60 3.45 1.42
C TRP A 19 0.65 3.92 2.12
N ARG A 20 1.45 2.98 2.52
CA ARG A 20 2.63 3.27 3.22
C ARG A 20 3.69 3.86 2.29
N ALA A 21 3.63 3.49 1.01
CA ALA A 21 4.56 4.00 0.00
C ALA A 21 4.35 5.50 -0.24
N LEU A 22 3.15 5.99 0.06
CA LEU A 22 2.88 7.41 -0.08
C LEU A 22 3.05 8.12 1.28
N ASN A 23 2.81 7.40 2.38
CA ASN A 23 2.90 7.99 3.73
C ASN A 23 4.26 7.82 4.37
N ALA A 24 5.14 7.18 3.66
CA ALA A 24 6.48 6.97 4.08
C ALA A 24 7.35 6.95 2.86
N SER A 10 -4.02 -10.03 -4.21
CA SER A 10 -3.07 -8.96 -4.48
C SER A 10 -3.62 -7.56 -4.18
N GLN A 11 -4.94 -7.39 -4.26
CA GLN A 11 -5.55 -6.08 -4.08
C GLN A 11 -5.33 -5.54 -2.65
N ASP A 12 -5.33 -6.42 -1.66
CA ASP A 12 -5.16 -5.98 -0.28
C ASP A 12 -3.74 -5.57 -0.02
N TYR A 13 -2.79 -6.33 -0.55
CA TYR A 13 -1.40 -6.01 -0.45
C TYR A 13 -1.11 -4.71 -1.16
N LEU A 14 -1.70 -4.57 -2.30
CA LEU A 14 -1.49 -3.45 -3.15
C LEU A 14 -1.99 -2.19 -2.46
N SER A 15 -3.10 -2.31 -1.78
CA SER A 15 -3.66 -1.20 -1.01
C SER A 15 -2.73 -0.87 0.19
N ASP A 16 -2.16 -1.92 0.75
CA ASP A 16 -1.29 -1.85 1.94
C ASP A 16 -0.03 -1.12 1.63
N HIS A 17 0.70 -1.66 0.69
CA HIS A 17 1.99 -1.14 0.46
C HIS A 17 1.92 0.26 -0.14
N LEU A 18 0.83 0.52 -0.86
CA LEU A 18 0.58 1.80 -1.49
C LEU A 18 0.39 2.86 -0.44
N TRP A 19 -0.42 2.56 0.59
CA TRP A 19 -0.72 3.57 1.59
C TRP A 19 0.57 4.01 2.21
N ARG A 20 1.37 3.04 2.55
CA ARG A 20 2.57 3.28 3.18
C ARG A 20 3.61 3.88 2.24
N ALA A 21 3.49 3.58 0.96
CA ALA A 21 4.41 4.10 -0.04
C ALA A 21 4.26 5.60 -0.18
N LEU A 22 3.07 6.10 0.10
CA LEU A 22 2.81 7.51 0.05
C LEU A 22 3.15 8.14 1.42
N ASN A 23 2.96 7.38 2.50
CA ASN A 23 3.21 7.87 3.86
C ASN A 23 4.64 7.67 4.32
N ALA A 24 5.37 6.89 3.59
CA ALA A 24 6.74 6.60 3.89
C ALA A 24 7.47 6.24 2.62
N SER A 10 -3.97 -9.89 -4.38
CA SER A 10 -2.98 -8.84 -4.39
C SER A 10 -3.54 -7.43 -4.11
N GLN A 11 -4.87 -7.25 -4.23
CA GLN A 11 -5.49 -5.92 -3.98
C GLN A 11 -5.27 -5.47 -2.54
N ASP A 12 -5.23 -6.42 -1.62
CA ASP A 12 -5.09 -6.14 -0.20
C ASP A 12 -3.69 -5.64 0.07
N TYR A 13 -2.76 -6.30 -0.56
CA TYR A 13 -1.36 -5.96 -0.48
C TYR A 13 -1.12 -4.63 -1.13
N LEU A 14 -1.72 -4.47 -2.28
CA LEU A 14 -1.60 -3.30 -3.09
C LEU A 14 -2.09 -2.11 -2.29
N SER A 15 -3.20 -2.27 -1.62
CA SER A 15 -3.75 -1.23 -0.78
C SER A 15 -2.78 -0.92 0.38
N ASP A 16 -2.06 -1.94 0.82
CA ASP A 16 -1.13 -1.79 1.93
C ASP A 16 0.07 -1.05 1.55
N HIS A 17 0.81 -1.59 0.62
CA HIS A 17 2.08 -1.05 0.32
C HIS A 17 1.95 0.31 -0.32
N LEU A 18 0.84 0.56 -0.99
CA LEU A 18 0.60 1.82 -1.64
C LEU A 18 0.36 2.89 -0.59
N TRP A 19 -0.52 2.61 0.39
CA TRP A 19 -0.84 3.61 1.40
C TRP A 19 0.45 3.97 2.11
N ARG A 20 1.20 2.95 2.37
CA ARG A 20 2.38 3.03 3.10
C ARG A 20 3.48 3.71 2.32
N ALA A 21 3.57 3.43 1.02
CA ALA A 21 4.58 4.02 0.14
C ALA A 21 4.38 5.52 -0.01
N LEU A 22 3.14 5.97 0.09
CA LEU A 22 2.88 7.40 -0.02
C LEU A 22 3.17 8.08 1.32
N ASN A 23 2.93 7.35 2.41
CA ASN A 23 3.15 7.89 3.76
C ASN A 23 4.59 7.77 4.19
N ALA A 24 5.25 6.81 3.67
CA ALA A 24 6.62 6.54 3.98
C ALA A 24 7.31 6.03 2.73
N SER A 10 -4.01 -10.11 -3.92
CA SER A 10 -2.99 -9.13 -4.19
C SER A 10 -3.48 -7.68 -4.00
N GLN A 11 -4.80 -7.46 -4.11
CA GLN A 11 -5.35 -6.11 -3.99
C GLN A 11 -5.17 -5.60 -2.57
N ASP A 12 -5.19 -6.52 -1.61
CA ASP A 12 -5.04 -6.15 -0.19
C ASP A 12 -3.67 -5.59 0.02
N TYR A 13 -2.72 -6.26 -0.61
CA TYR A 13 -1.34 -5.89 -0.56
C TYR A 13 -1.11 -4.60 -1.28
N LEU A 14 -1.73 -4.48 -2.42
CA LEU A 14 -1.56 -3.35 -3.28
C LEU A 14 -2.06 -2.09 -2.59
N SER A 15 -3.20 -2.18 -1.98
CA SER A 15 -3.76 -1.12 -1.23
C SER A 15 -2.89 -0.81 0.02
N ASP A 16 -2.29 -1.84 0.56
CA ASP A 16 -1.46 -1.76 1.77
C ASP A 16 -0.20 -1.04 1.51
N HIS A 17 0.58 -1.59 0.63
CA HIS A 17 1.88 -1.09 0.43
C HIS A 17 1.84 0.31 -0.16
N LEU A 18 0.77 0.60 -0.90
CA LEU A 18 0.55 1.88 -1.50
C LEU A 18 0.35 2.95 -0.45
N TRP A 19 -0.49 2.67 0.56
CA TRP A 19 -0.78 3.67 1.58
C TRP A 19 0.52 4.04 2.24
N ARG A 20 1.28 3.03 2.52
CA ARG A 20 2.49 3.16 3.18
C ARG A 20 3.55 3.80 2.30
N ALA A 21 3.47 3.54 1.02
CA ALA A 21 4.40 4.09 0.04
C ALA A 21 4.22 5.60 -0.10
N LEU A 22 3.04 6.08 0.22
CA LEU A 22 2.80 7.52 0.18
C LEU A 22 3.17 8.14 1.54
N ASN A 23 3.04 7.34 2.58
CA ASN A 23 3.35 7.81 3.94
C ASN A 23 4.82 7.63 4.29
N ALA A 24 5.50 6.78 3.58
CA ALA A 24 6.88 6.49 3.84
C ALA A 24 7.55 6.02 2.56
N SER A 10 -4.31 -9.74 -4.66
CA SER A 10 -3.33 -8.67 -4.73
C SER A 10 -3.84 -7.30 -4.27
N GLN A 11 -5.16 -7.05 -4.31
CA GLN A 11 -5.69 -5.71 -3.94
C GLN A 11 -5.38 -5.36 -2.48
N ASP A 12 -5.35 -6.37 -1.63
CA ASP A 12 -5.09 -6.18 -0.20
C ASP A 12 -3.65 -5.75 0.04
N TYR A 13 -2.76 -6.41 -0.66
CA TYR A 13 -1.36 -6.10 -0.58
C TYR A 13 -1.10 -4.76 -1.20
N LEU A 14 -1.72 -4.54 -2.33
CA LEU A 14 -1.56 -3.35 -3.09
C LEU A 14 -2.01 -2.15 -2.26
N SER A 15 -3.11 -2.31 -1.57
CA SER A 15 -3.60 -1.27 -0.69
C SER A 15 -2.61 -1.01 0.46
N ASP A 16 -1.96 -2.07 0.92
CA ASP A 16 -1.03 -1.99 2.05
C ASP A 16 0.20 -1.25 1.70
N HIS A 17 0.93 -1.80 0.76
CA HIS A 17 2.22 -1.28 0.51
C HIS A 17 2.14 0.12 -0.11
N LEU A 18 1.07 0.37 -0.86
CA LEU A 18 0.87 1.62 -1.54
C LEU A 18 0.57 2.71 -0.57
N TRP A 19 -0.30 2.43 0.42
CA TRP A 19 -0.69 3.45 1.36
C TRP A 19 0.55 3.93 2.08
N ARG A 20 1.34 2.98 2.49
CA ARG A 20 2.50 3.26 3.23
C ARG A 20 3.59 3.87 2.35
N ALA A 21 3.64 3.46 1.10
CA ALA A 21 4.60 4.00 0.14
C ALA A 21 4.34 5.49 -0.13
N LEU A 22 3.10 5.92 0.05
CA LEU A 22 2.78 7.32 -0.15
C LEU A 22 2.98 8.09 1.17
N ASN A 23 2.78 7.41 2.29
CA ASN A 23 2.91 8.04 3.61
C ASN A 23 4.31 7.98 4.17
N ALA A 24 5.13 7.13 3.60
CA ALA A 24 6.49 6.97 4.03
C ALA A 24 7.34 6.51 2.85
N SER A 10 -4.22 -9.81 -4.46
CA SER A 10 -3.17 -8.84 -4.59
C SER A 10 -3.62 -7.44 -4.18
N GLN A 11 -4.94 -7.17 -4.21
CA GLN A 11 -5.43 -5.82 -3.88
C GLN A 11 -5.18 -5.50 -2.41
N ASP A 12 -5.20 -6.53 -1.56
CA ASP A 12 -4.98 -6.36 -0.12
C ASP A 12 -3.59 -5.81 0.10
N TYR A 13 -2.68 -6.40 -0.63
CA TYR A 13 -1.28 -6.05 -0.61
C TYR A 13 -1.06 -4.71 -1.22
N LEU A 14 -1.69 -4.53 -2.34
CA LEU A 14 -1.52 -3.37 -3.14
C LEU A 14 -1.96 -2.14 -2.41
N SER A 15 -3.13 -2.18 -1.85
CA SER A 15 -3.64 -1.05 -1.11
C SER A 15 -2.77 -0.81 0.16
N ASP A 16 -2.25 -1.90 0.73
CA ASP A 16 -1.44 -1.83 1.95
C ASP A 16 -0.14 -1.15 1.68
N HIS A 17 0.60 -1.68 0.74
CA HIS A 17 1.92 -1.17 0.53
C HIS A 17 1.88 0.22 -0.10
N LEU A 18 0.81 0.49 -0.84
CA LEU A 18 0.60 1.75 -1.50
C LEU A 18 0.40 2.86 -0.47
N TRP A 19 -0.43 2.59 0.55
CA TRP A 19 -0.72 3.61 1.53
C TRP A 19 0.58 3.99 2.22
N ARG A 20 1.33 2.97 2.55
CA ARG A 20 2.55 3.14 3.25
C ARG A 20 3.64 3.72 2.36
N ALA A 21 3.53 3.50 1.06
CA ALA A 21 4.48 4.01 0.10
C ALA A 21 4.31 5.51 -0.05
N LEU A 22 3.08 5.96 0.06
CA LEU A 22 2.80 7.38 -0.07
C LEU A 22 3.08 8.09 1.25
N ASN A 23 2.92 7.37 2.35
CA ASN A 23 3.15 7.94 3.68
C ASN A 23 4.59 7.82 4.12
N ALA A 24 5.31 6.91 3.55
CA ALA A 24 6.68 6.68 3.94
C ALA A 24 7.54 6.41 2.73
N SER A 10 -4.14 -10.13 -3.94
CA SER A 10 -3.24 -9.03 -4.18
C SER A 10 -3.82 -7.63 -3.87
N GLN A 11 -5.16 -7.51 -3.77
CA GLN A 11 -5.76 -6.18 -3.51
C GLN A 11 -5.33 -5.62 -2.18
N ASP A 12 -5.16 -6.49 -1.19
CA ASP A 12 -4.70 -6.07 0.14
C ASP A 12 -3.32 -5.51 0.06
N TYR A 13 -2.48 -6.18 -0.69
CA TYR A 13 -1.12 -5.81 -0.82
C TYR A 13 -0.97 -4.51 -1.54
N LEU A 14 -1.67 -4.40 -2.65
CA LEU A 14 -1.59 -3.24 -3.49
C LEU A 14 -2.05 -2.01 -2.72
N SER A 15 -3.14 -2.13 -2.03
CA SER A 15 -3.65 -1.08 -1.24
C SER A 15 -2.73 -0.75 -0.04
N ASP A 16 -2.16 -1.81 0.53
CA ASP A 16 -1.31 -1.71 1.74
C ASP A 16 -0.05 -0.99 1.41
N HIS A 17 0.66 -1.52 0.45
CA HIS A 17 1.96 -1.05 0.16
C HIS A 17 1.92 0.33 -0.44
N LEU A 18 0.82 0.64 -1.13
CA LEU A 18 0.64 1.92 -1.73
C LEU A 18 0.44 2.97 -0.67
N TRP A 19 -0.44 2.68 0.30
CA TRP A 19 -0.73 3.63 1.35
C TRP A 19 0.55 3.90 2.10
N ARG A 20 1.27 2.83 2.39
CA ARG A 20 2.43 2.92 3.17
C ARG A 20 3.55 3.62 2.39
N ALA A 21 3.58 3.39 1.07
CA ALA A 21 4.58 4.01 0.19
C ALA A 21 4.38 5.52 0.10
N LEU A 22 3.15 5.97 0.20
CA LEU A 22 2.86 7.39 0.11
C LEU A 22 3.10 8.06 1.46
N ASN A 23 2.89 7.32 2.53
CA ASN A 23 3.08 7.86 3.88
C ASN A 23 4.50 7.74 4.37
N ALA A 24 5.20 6.78 3.85
CA ALA A 24 6.55 6.51 4.27
C ALA A 24 7.35 6.04 3.09
N SER A 10 -4.07 -10.23 -3.62
CA SER A 10 -3.08 -9.23 -3.97
C SER A 10 -3.64 -7.79 -3.96
N GLN A 11 -4.96 -7.63 -3.83
CA GLN A 11 -5.54 -6.30 -3.76
C GLN A 11 -5.23 -5.67 -2.41
N ASP A 12 -5.12 -6.54 -1.38
CA ASP A 12 -4.86 -6.09 -0.01
C ASP A 12 -3.49 -5.50 0.02
N TYR A 13 -2.59 -6.17 -0.66
CA TYR A 13 -1.22 -5.76 -0.80
C TYR A 13 -1.13 -4.46 -1.51
N LEU A 14 -1.86 -4.34 -2.57
CA LEU A 14 -1.79 -3.20 -3.43
C LEU A 14 -2.21 -1.95 -2.68
N SER A 15 -3.29 -2.04 -1.99
CA SER A 15 -3.76 -0.98 -1.20
C SER A 15 -2.83 -0.72 0.02
N ASP A 16 -2.16 -1.77 0.48
CA ASP A 16 -1.30 -1.68 1.66
C ASP A 16 -0.04 -0.97 1.35
N HIS A 17 0.68 -1.51 0.40
CA HIS A 17 1.96 -1.04 0.11
C HIS A 17 1.90 0.37 -0.44
N LEU A 18 0.81 0.69 -1.14
CA LEU A 18 0.60 1.99 -1.71
C LEU A 18 0.42 3.01 -0.61
N TRP A 19 -0.44 2.70 0.37
CA TRP A 19 -0.71 3.64 1.43
C TRP A 19 0.57 3.90 2.17
N ARG A 20 1.30 2.84 2.41
CA ARG A 20 2.48 2.90 3.19
C ARG A 20 3.58 3.62 2.42
N ALA A 21 3.63 3.42 1.11
CA ALA A 21 4.62 4.02 0.24
C ALA A 21 4.41 5.53 0.12
N LEU A 22 3.16 5.96 0.23
CA LEU A 22 2.87 7.38 0.15
C LEU A 22 3.13 8.03 1.51
N ASN A 23 2.91 7.26 2.57
CA ASN A 23 3.09 7.77 3.94
C ASN A 23 4.51 7.63 4.45
N ALA A 24 5.30 6.82 3.77
CA ALA A 24 6.68 6.61 4.12
C ALA A 24 7.45 6.13 2.91
N SER A 10 -4.42 -9.77 -4.14
CA SER A 10 -3.36 -8.84 -4.30
C SER A 10 -3.84 -7.41 -4.07
N GLN A 11 -5.16 -7.19 -4.01
CA GLN A 11 -5.68 -5.84 -3.75
C GLN A 11 -5.34 -5.44 -2.31
N ASP A 12 -5.23 -6.44 -1.45
CA ASP A 12 -4.90 -6.23 -0.05
C ASP A 12 -3.48 -5.72 0.06
N TYR A 13 -2.62 -6.34 -0.71
CA TYR A 13 -1.22 -5.97 -0.78
C TYR A 13 -1.07 -4.63 -1.41
N LEU A 14 -1.76 -4.46 -2.49
CA LEU A 14 -1.68 -3.31 -3.31
C LEU A 14 -2.07 -2.09 -2.52
N SER A 15 -3.13 -2.18 -1.79
CA SER A 15 -3.56 -1.07 -0.98
C SER A 15 -2.64 -0.89 0.26
N ASP A 16 -2.00 -1.98 0.68
CA ASP A 16 -1.10 -1.96 1.86
C ASP A 16 0.14 -1.21 1.53
N HIS A 17 0.84 -1.71 0.53
CA HIS A 17 2.11 -1.21 0.25
C HIS A 17 2.04 0.20 -0.31
N LEU A 18 0.97 0.47 -1.07
CA LEU A 18 0.76 1.74 -1.68
C LEU A 18 0.51 2.79 -0.65
N TRP A 19 -0.36 2.48 0.33
CA TRP A 19 -0.72 3.45 1.33
C TRP A 19 0.54 3.84 2.08
N ARG A 20 1.31 2.85 2.46
CA ARG A 20 2.47 3.08 3.24
C ARG A 20 3.56 3.75 2.40
N ALA A 21 3.61 3.41 1.12
CA ALA A 21 4.60 3.95 0.19
C ALA A 21 4.44 5.45 0.04
N LEU A 22 3.20 5.92 0.10
CA LEU A 22 2.92 7.34 -0.03
C LEU A 22 3.08 8.04 1.33
N ASN A 23 2.80 7.31 2.40
CA ASN A 23 2.88 7.89 3.74
C ASN A 23 4.27 7.86 4.33
N ALA A 24 5.12 7.08 3.75
CA ALA A 24 6.49 6.99 4.21
C ALA A 24 7.39 6.67 3.03
N SER A 10 -4.24 -9.98 -4.00
CA SER A 10 -3.18 -9.06 -4.29
C SER A 10 -3.60 -7.60 -4.10
N GLN A 11 -4.90 -7.33 -4.26
CA GLN A 11 -5.42 -5.97 -4.13
C GLN A 11 -5.28 -5.48 -2.69
N ASP A 12 -5.23 -6.41 -1.76
CA ASP A 12 -5.11 -6.09 -0.36
C ASP A 12 -3.71 -5.59 -0.08
N TYR A 13 -2.76 -6.28 -0.65
CA TYR A 13 -1.35 -5.91 -0.55
C TYR A 13 -1.16 -4.59 -1.21
N LEU A 14 -1.80 -4.46 -2.34
CA LEU A 14 -1.75 -3.30 -3.16
C LEU A 14 -2.19 -2.10 -2.35
N SER A 15 -3.24 -2.28 -1.58
CA SER A 15 -3.72 -1.28 -0.72
C SER A 15 -2.68 -0.93 0.39
N ASP A 16 -1.98 -1.96 0.91
CA ASP A 16 -0.99 -1.74 2.00
C ASP A 16 0.16 -0.97 1.55
N HIS A 17 0.86 -1.54 0.60
CA HIS A 17 2.11 -1.01 0.24
C HIS A 17 1.97 0.33 -0.40
N LEU A 18 0.82 0.57 -1.04
CA LEU A 18 0.56 1.83 -1.66
C LEU A 18 0.37 2.90 -0.60
N TRP A 19 -0.48 2.61 0.40
CA TRP A 19 -0.76 3.58 1.44
C TRP A 19 0.55 3.91 2.14
N ARG A 20 1.27 2.86 2.48
CA ARG A 20 2.46 2.98 3.23
C ARG A 20 3.61 3.56 2.39
N ALA A 21 3.56 3.41 1.08
CA ALA A 21 4.58 3.96 0.20
C ALA A 21 4.40 5.47 0.07
N LEU A 22 3.16 5.92 0.08
CA LEU A 22 2.89 7.35 -0.05
C LEU A 22 3.12 8.04 1.30
N ASN A 23 2.89 7.31 2.38
CA ASN A 23 3.06 7.87 3.73
C ASN A 23 4.47 7.70 4.25
N ALA A 24 5.25 6.86 3.62
CA ALA A 24 6.61 6.66 4.05
C ALA A 24 7.56 6.82 2.88
N SER A 10 -4.08 -9.82 -4.73
CA SER A 10 -3.16 -8.71 -4.67
C SER A 10 -3.79 -7.39 -4.18
N GLN A 11 -5.11 -7.33 -4.15
CA GLN A 11 -5.88 -6.18 -3.76
C GLN A 11 -5.51 -5.67 -2.35
N ASP A 12 -5.30 -6.59 -1.42
CA ASP A 12 -5.02 -6.19 -0.03
C ASP A 12 -3.63 -5.65 0.08
N TYR A 13 -2.75 -6.31 -0.61
CA TYR A 13 -1.34 -5.98 -0.63
C TYR A 13 -1.12 -4.67 -1.29
N LEU A 14 -1.76 -4.51 -2.40
CA LEU A 14 -1.61 -3.39 -3.24
C LEU A 14 -2.01 -2.15 -2.50
N SER A 15 -3.15 -2.21 -1.86
CA SER A 15 -3.64 -1.10 -1.08
C SER A 15 -2.71 -0.84 0.13
N ASP A 16 -2.19 -1.93 0.71
CA ASP A 16 -1.33 -1.88 1.90
C ASP A 16 -0.05 -1.17 1.61
N HIS A 17 0.70 -1.73 0.71
CA HIS A 17 2.01 -1.24 0.50
C HIS A 17 1.98 0.15 -0.11
N LEU A 18 0.92 0.43 -0.86
CA LEU A 18 0.71 1.70 -1.52
C LEU A 18 0.53 2.79 -0.50
N TRP A 19 -0.29 2.51 0.52
CA TRP A 19 -0.58 3.53 1.51
C TRP A 19 0.70 3.93 2.19
N ARG A 20 1.48 2.94 2.55
CA ARG A 20 2.68 3.15 3.25
C ARG A 20 3.73 3.77 2.34
N ALA A 21 3.71 3.41 1.07
CA ALA A 21 4.64 3.95 0.09
C ALA A 21 4.41 5.46 -0.11
N LEU A 22 3.18 5.91 0.08
CA LEU A 22 2.89 7.33 -0.06
C LEU A 22 3.08 8.08 1.26
N ASN A 23 2.86 7.38 2.37
CA ASN A 23 2.99 8.00 3.70
C ASN A 23 4.39 7.93 4.24
N ALA A 24 5.19 7.07 3.69
CA ALA A 24 6.55 6.94 4.11
C ALA A 24 7.43 6.99 2.88
N SER A 10 -4.52 -9.77 -4.28
CA SER A 10 -3.47 -8.80 -4.56
C SER A 10 -3.89 -7.36 -4.16
N GLN A 11 -5.20 -7.12 -4.14
CA GLN A 11 -5.78 -5.84 -3.77
C GLN A 11 -5.33 -5.38 -2.38
N ASP A 12 -5.25 -6.34 -1.47
CA ASP A 12 -4.96 -6.06 -0.08
C ASP A 12 -3.53 -5.63 0.04
N TYR A 13 -2.68 -6.34 -0.65
CA TYR A 13 -1.27 -6.06 -0.69
C TYR A 13 -1.02 -4.73 -1.33
N LEU A 14 -1.63 -4.55 -2.47
CA LEU A 14 -1.44 -3.40 -3.30
C LEU A 14 -1.84 -2.16 -2.53
N SER A 15 -2.94 -2.22 -1.85
CA SER A 15 -3.36 -1.09 -1.06
C SER A 15 -2.44 -0.90 0.17
N ASP A 16 -1.98 -2.00 0.76
CA ASP A 16 -1.15 -1.93 1.99
C ASP A 16 0.13 -1.25 1.71
N HIS A 17 0.85 -1.75 0.75
CA HIS A 17 2.14 -1.26 0.51
C HIS A 17 2.08 0.14 -0.12
N LEU A 18 1.00 0.40 -0.86
CA LEU A 18 0.81 1.66 -1.53
C LEU A 18 0.52 2.76 -0.54
N TRP A 19 -0.35 2.48 0.43
CA TRP A 19 -0.70 3.49 1.40
C TRP A 19 0.56 3.88 2.13
N ARG A 20 1.35 2.87 2.44
CA ARG A 20 2.53 3.06 3.19
C ARG A 20 3.56 3.78 2.33
N ALA A 21 3.59 3.42 1.06
CA ALA A 21 4.50 4.02 0.09
C ALA A 21 4.25 5.50 -0.10
N LEU A 22 3.03 5.95 0.16
CA LEU A 22 2.74 7.36 0.00
C LEU A 22 2.99 8.09 1.32
N ASN A 23 2.76 7.40 2.43
CA ASN A 23 2.94 8.00 3.77
C ASN A 23 4.38 7.95 4.22
N ALA A 24 5.09 7.01 3.69
CA ALA A 24 6.48 6.82 4.01
C ALA A 24 7.23 6.56 2.71
N SER A 10 -3.83 -9.94 -4.37
CA SER A 10 -3.00 -8.78 -4.34
C SER A 10 -3.73 -7.47 -4.09
N GLN A 11 -5.07 -7.47 -3.99
CA GLN A 11 -5.79 -6.23 -3.71
C GLN A 11 -5.45 -5.71 -2.32
N ASP A 12 -5.28 -6.64 -1.39
CA ASP A 12 -4.97 -6.32 0.00
C ASP A 12 -3.59 -5.72 0.05
N TYR A 13 -2.70 -6.33 -0.69
CA TYR A 13 -1.31 -5.95 -0.76
C TYR A 13 -1.14 -4.61 -1.40
N LEU A 14 -1.77 -4.44 -2.53
CA LEU A 14 -1.61 -3.26 -3.33
C LEU A 14 -2.09 -2.06 -2.56
N SER A 15 -3.22 -2.20 -1.94
CA SER A 15 -3.78 -1.14 -1.12
C SER A 15 -2.86 -0.86 0.11
N ASP A 16 -2.21 -1.90 0.60
CA ASP A 16 -1.36 -1.83 1.79
C ASP A 16 -0.09 -1.11 1.51
N HIS A 17 0.66 -1.64 0.59
CA HIS A 17 1.96 -1.15 0.37
C HIS A 17 1.91 0.27 -0.21
N LEU A 18 0.84 0.55 -0.94
CA LEU A 18 0.64 1.84 -1.57
C LEU A 18 0.44 2.90 -0.53
N TRP A 19 -0.43 2.62 0.45
CA TRP A 19 -0.75 3.60 1.47
C TRP A 19 0.54 3.99 2.17
N ARG A 20 1.31 3.00 2.51
CA ARG A 20 2.49 3.20 3.25
C ARG A 20 3.58 3.83 2.40
N ALA A 21 3.66 3.45 1.14
CA ALA A 21 4.64 3.98 0.21
C ALA A 21 4.46 5.49 0.01
N LEU A 22 3.22 5.96 0.14
CA LEU A 22 2.95 7.38 0.01
C LEU A 22 3.16 8.10 1.35
N ASN A 23 2.99 7.36 2.44
CA ASN A 23 3.16 7.94 3.78
C ASN A 23 4.59 7.89 4.25
N ALA A 24 5.34 6.99 3.71
CA ALA A 24 6.72 6.82 4.08
C ALA A 24 7.49 6.30 2.89
N SER A 10 -4.51 -9.44 -4.62
CA SER A 10 -3.42 -8.50 -4.81
C SER A 10 -3.82 -7.12 -4.30
N GLN A 11 -5.13 -6.87 -4.28
CA GLN A 11 -5.73 -5.66 -3.80
C GLN A 11 -5.30 -5.36 -2.36
N ASP A 12 -5.24 -6.39 -1.54
CA ASP A 12 -4.98 -6.22 -0.12
C ASP A 12 -3.56 -5.79 0.08
N TYR A 13 -2.70 -6.40 -0.68
CA TYR A 13 -1.30 -6.10 -0.68
C TYR A 13 -1.07 -4.72 -1.20
N LEU A 14 -1.71 -4.45 -2.32
CA LEU A 14 -1.54 -3.24 -3.04
C LEU A 14 -1.93 -2.07 -2.15
N SER A 15 -3.09 -2.13 -1.57
CA SER A 15 -3.55 -1.12 -0.69
C SER A 15 -2.61 -0.98 0.54
N ASP A 16 -1.98 -2.07 0.93
CA ASP A 16 -1.08 -2.06 2.08
C ASP A 16 0.20 -1.36 1.75
N HIS A 17 0.90 -1.88 0.78
CA HIS A 17 2.21 -1.41 0.52
C HIS A 17 2.18 0.00 -0.08
N LEU A 18 1.15 0.27 -0.87
CA LEU A 18 1.00 1.53 -1.56
C LEU A 18 0.66 2.63 -0.60
N TRP A 19 -0.25 2.35 0.34
CA TRP A 19 -0.65 3.37 1.28
C TRP A 19 0.58 3.84 2.02
N ARG A 20 1.36 2.88 2.45
CA ARG A 20 2.52 3.13 3.20
C ARG A 20 3.63 3.74 2.35
N ALA A 21 3.61 3.43 1.08
CA ALA A 21 4.59 3.95 0.13
C ALA A 21 4.38 5.44 -0.08
N LEU A 22 3.13 5.88 -0.02
CA LEU A 22 2.81 7.28 -0.21
C LEU A 22 2.97 8.03 1.12
N ASN A 23 2.69 7.35 2.22
CA ASN A 23 2.75 7.99 3.54
C ASN A 23 4.15 8.01 4.09
N ALA A 24 4.95 7.09 3.64
CA ALA A 24 6.31 7.01 4.07
C ALA A 24 7.20 6.80 2.86
N SER A 10 -3.76 -10.23 -3.74
CA SER A 10 -2.85 -9.10 -3.94
C SER A 10 -3.56 -7.73 -3.87
N GLN A 11 -4.90 -7.71 -3.85
CA GLN A 11 -5.62 -6.44 -3.78
C GLN A 11 -5.29 -5.72 -2.47
N ASP A 12 -5.16 -6.49 -1.39
CA ASP A 12 -4.88 -5.92 -0.09
C ASP A 12 -3.48 -5.41 -0.06
N TYR A 13 -2.56 -6.17 -0.64
CA TYR A 13 -1.18 -5.78 -0.71
C TYR A 13 -1.03 -4.49 -1.44
N LEU A 14 -1.66 -4.42 -2.57
CA LEU A 14 -1.56 -3.30 -3.45
C LEU A 14 -2.08 -2.05 -2.76
N SER A 15 -3.20 -2.18 -2.11
CA SER A 15 -3.78 -1.06 -1.37
C SER A 15 -2.89 -0.71 -0.14
N ASP A 16 -2.33 -1.74 0.49
CA ASP A 16 -1.50 -1.60 1.72
C ASP A 16 -0.25 -0.89 1.44
N HIS A 17 0.51 -1.43 0.52
CA HIS A 17 1.82 -0.94 0.31
C HIS A 17 1.76 0.45 -0.29
N LEU A 18 0.67 0.73 -1.03
CA LEU A 18 0.46 2.00 -1.63
C LEU A 18 0.30 3.05 -0.54
N TRP A 19 -0.55 2.76 0.46
CA TRP A 19 -0.81 3.72 1.51
C TRP A 19 0.49 3.98 2.23
N ARG A 20 1.19 2.89 2.49
CA ARG A 20 2.39 2.94 3.26
C ARG A 20 3.51 3.61 2.48
N ALA A 21 3.47 3.48 1.17
CA ALA A 21 4.47 4.05 0.29
C ALA A 21 4.32 5.56 0.23
N LEU A 22 3.09 6.04 0.23
CA LEU A 22 2.85 7.47 0.19
C LEU A 22 3.18 8.07 1.57
N ASN A 23 3.05 7.24 2.59
CA ASN A 23 3.34 7.65 3.98
C ASN A 23 4.76 7.34 4.39
N ALA A 24 5.53 6.74 3.52
CA ALA A 24 6.89 6.35 3.80
C ALA A 24 7.60 6.01 2.49
N SER A 10 -4.22 -9.71 -4.66
CA SER A 10 -3.19 -8.71 -4.74
C SER A 10 -3.68 -7.34 -4.24
N GLN A 11 -5.01 -7.08 -4.28
CA GLN A 11 -5.53 -5.76 -3.89
C GLN A 11 -5.35 -5.47 -2.42
N ASP A 12 -5.26 -6.52 -1.60
CA ASP A 12 -5.10 -6.35 -0.15
C ASP A 12 -3.72 -5.82 0.09
N TYR A 13 -2.81 -6.41 -0.62
CA TYR A 13 -1.41 -6.08 -0.59
C TYR A 13 -1.15 -4.73 -1.20
N LEU A 14 -1.80 -4.49 -2.31
CA LEU A 14 -1.63 -3.30 -3.08
C LEU A 14 -2.03 -2.09 -2.24
N SER A 15 -3.20 -2.14 -1.64
CA SER A 15 -3.65 -1.08 -0.81
C SER A 15 -2.74 -0.89 0.40
N ASP A 16 -2.15 -1.97 0.87
CA ASP A 16 -1.25 -1.97 2.03
C ASP A 16 0.03 -1.26 1.69
N HIS A 17 0.74 -1.79 0.74
CA HIS A 17 2.03 -1.28 0.47
C HIS A 17 1.98 0.10 -0.15
N LEU A 18 0.91 0.38 -0.89
CA LEU A 18 0.72 1.64 -1.56
C LEU A 18 0.50 2.73 -0.56
N TRP A 19 -0.31 2.45 0.47
CA TRP A 19 -0.62 3.46 1.45
C TRP A 19 0.65 3.88 2.11
N ARG A 20 1.45 2.91 2.46
CA ARG A 20 2.66 3.16 3.14
C ARG A 20 3.70 3.78 2.22
N ALA A 21 3.71 3.35 0.96
CA ALA A 21 4.62 3.88 -0.05
C ALA A 21 4.40 5.39 -0.25
N LEU A 22 3.18 5.85 0.01
CA LEU A 22 2.88 7.27 -0.14
C LEU A 22 3.07 8.00 1.20
N ASN A 23 2.85 7.32 2.31
CA ASN A 23 2.96 7.96 3.63
C ASN A 23 4.34 7.92 4.22
N ALA A 24 5.17 7.08 3.69
CA ALA A 24 6.51 6.96 4.20
C ALA A 24 7.51 7.45 3.16
#